data_1T71
#
_entry.id   1T71
#
_cell.length_a   84.896
_cell.length_b   84.896
_cell.length_c   162.726
_cell.angle_alpha   90.00
_cell.angle_beta   90.00
_cell.angle_gamma   90.00
#
_symmetry.space_group_name_H-M   'P 43 21 2'
#
loop_
_entity.id
_entity.type
_entity.pdbx_description
1 polymer phosphatase
2 non-polymer 'FE (III) ION'
3 water water
#
_entity_poly.entity_id   1
_entity_poly.type   'polypeptide(L)'
_entity_poly.pdbx_seq_one_letter_code
;MMNSIKFIFLGDVYGKAGRNIIKNNLAQLKSKYQADLVIVNAENTTHGKGLSLKHYEFLKEAGVNYITMGNHTWFQKLDL
AVVINKKDLVRPLNLDTSFAFHNLGQGSLVFEFNKAKIRITNLLGTSVPLPFKTTNPFKVLKELILKRDCDLHIVDFHAE
TTSEKNAFCMAFDGYVTTIFGTHTHVPSADLRITPKGSAYITDVGMCGPGFGSVIGANPEQSIRLFCAGSREHFEVSKCG
AQLNGVFFEVDVNTKKVIKTEAIRIVEDDPRYLKQDYFNLI
;
_entity_poly.pdbx_strand_id   A
#
loop_
_chem_comp.id
_chem_comp.type
_chem_comp.name
_chem_comp.formula
FE non-polymer 'FE (III) ION' 'Fe 3'
#
# COMPACT_ATOMS: atom_id res chain seq x y z
N MET A 1 6.76 -27.95 -16.51
CA MET A 1 7.39 -26.59 -16.56
C MET A 1 6.61 -25.56 -15.75
N MET A 2 5.38 -25.29 -16.20
CA MET A 2 4.48 -24.32 -15.58
C MET A 2 5.22 -23.02 -15.22
N ASN A 3 4.93 -21.97 -15.97
CA ASN A 3 5.57 -20.69 -15.70
C ASN A 3 4.67 -19.87 -14.78
N SER A 4 5.31 -19.17 -13.85
CA SER A 4 4.59 -18.35 -12.90
C SER A 4 5.20 -16.97 -12.86
N ILE A 5 4.55 -16.07 -12.14
CA ILE A 5 5.04 -14.71 -11.99
C ILE A 5 5.19 -14.49 -10.50
N LYS A 6 6.39 -14.07 -10.09
CA LYS A 6 6.68 -13.82 -8.70
C LYS A 6 6.64 -12.34 -8.40
N PHE A 7 5.80 -11.96 -7.44
CA PHE A 7 5.63 -10.56 -7.06
C PHE A 7 6.06 -10.25 -5.64
N ILE A 8 6.28 -8.96 -5.39
CA ILE A 8 6.61 -8.44 -4.06
C ILE A 8 5.77 -7.18 -3.90
N PHE A 9 4.93 -7.15 -2.87
CA PHE A 9 4.08 -5.99 -2.62
C PHE A 9 4.46 -5.39 -1.26
N LEU A 10 4.85 -4.13 -1.25
CA LEU A 10 5.25 -3.45 0.00
C LEU A 10 4.19 -2.45 0.44
N GLY A 11 3.97 -2.38 1.75
CA GLY A 11 2.97 -1.47 2.30
C GLY A 11 3.38 -0.02 2.34
N ASP A 12 2.43 0.84 2.71
CA ASP A 12 2.61 2.29 2.79
C ASP A 12 4.02 2.78 3.06
N VAL A 13 4.61 3.44 2.06
CA VAL A 13 5.95 4.01 2.17
C VAL A 13 5.78 5.30 2.98
N TYR A 14 6.51 5.43 4.07
CA TYR A 14 6.34 6.59 4.94
C TYR A 14 7.63 7.37 5.25
N GLY A 15 7.75 8.55 4.66
CA GLY A 15 8.91 9.40 4.91
C GLY A 15 10.28 8.91 4.48
N LYS A 16 11.30 9.59 4.98
CA LYS A 16 12.69 9.26 4.67
C LYS A 16 13.03 7.86 5.17
N ALA A 17 12.53 7.51 6.35
CA ALA A 17 12.82 6.21 6.91
C ALA A 17 12.31 5.09 6.00
N GLY A 18 11.10 5.25 5.47
CA GLY A 18 10.56 4.24 4.60
C GLY A 18 11.37 4.18 3.31
N ARG A 19 11.66 5.34 2.76
CA ARG A 19 12.42 5.44 1.51
C ARG A 19 13.76 4.74 1.64
N ASN A 20 14.47 5.02 2.73
CA ASN A 20 15.79 4.43 2.96
C ASN A 20 15.82 2.93 3.19
N ILE A 21 14.90 2.39 3.97
CA ILE A 21 14.95 0.95 4.22
C ILE A 21 14.60 0.18 2.94
N ILE A 22 13.84 0.81 2.05
CA ILE A 22 13.48 0.15 0.80
C ILE A 22 14.66 0.16 -0.17
N LYS A 23 15.37 1.29 -0.20
CA LYS A 23 16.53 1.40 -1.08
C LYS A 23 17.62 0.43 -0.64
N ASN A 24 17.80 0.29 0.67
CA ASN A 24 18.82 -0.60 1.21
C ASN A 24 18.48 -2.08 1.25
N ASN A 25 17.28 -2.47 0.81
CA ASN A 25 16.91 -3.88 0.87
C ASN A 25 16.17 -4.47 -0.33
N LEU A 26 15.61 -3.64 -1.18
CA LEU A 26 14.85 -4.13 -2.32
C LEU A 26 15.63 -5.09 -3.23
N ALA A 27 16.87 -4.75 -3.54
CA ALA A 27 17.68 -5.61 -4.40
C ALA A 27 17.82 -6.99 -3.77
N GLN A 28 18.22 -7.01 -2.51
CA GLN A 28 18.40 -8.27 -1.77
C GLN A 28 17.13 -9.10 -1.78
N LEU A 29 16.00 -8.45 -1.47
CA LEU A 29 14.70 -9.11 -1.43
C LEU A 29 14.30 -9.58 -2.82
N LYS A 30 14.47 -8.72 -3.81
CA LYS A 30 14.12 -9.06 -5.18
C LYS A 30 14.91 -10.31 -5.59
N SER A 31 16.15 -10.37 -5.15
CA SER A 31 17.02 -11.50 -5.45
C SER A 31 16.59 -12.76 -4.70
N LYS A 32 16.38 -12.62 -3.40
CA LYS A 32 15.97 -13.74 -2.55
C LYS A 32 14.72 -14.48 -3.04
N TYR A 33 13.74 -13.73 -3.54
CA TYR A 33 12.50 -14.34 -4.01
C TYR A 33 12.45 -14.50 -5.53
N GLN A 34 13.50 -14.06 -6.21
CA GLN A 34 13.53 -14.14 -7.67
C GLN A 34 12.30 -13.42 -8.17
N ALA A 35 11.97 -12.30 -7.53
CA ALA A 35 10.80 -11.53 -7.90
C ALA A 35 10.93 -11.00 -9.32
N ASP A 36 9.80 -10.93 -10.01
CA ASP A 36 9.75 -10.42 -11.38
C ASP A 36 9.27 -8.97 -11.34
N LEU A 37 8.41 -8.67 -10.38
CA LEU A 37 7.82 -7.35 -10.27
C LEU A 37 7.69 -6.87 -8.83
N VAL A 38 7.82 -5.56 -8.64
CA VAL A 38 7.72 -4.94 -7.33
C VAL A 38 6.65 -3.85 -7.35
N ILE A 39 5.68 -3.96 -6.45
CA ILE A 39 4.59 -3.00 -6.35
C ILE A 39 4.59 -2.44 -4.93
N VAL A 40 4.34 -1.14 -4.81
CA VAL A 40 4.31 -0.54 -3.48
C VAL A 40 3.26 0.54 -3.37
N ASN A 41 2.71 0.70 -2.18
CA ASN A 41 1.74 1.75 -1.93
C ASN A 41 2.66 2.86 -1.40
N ALA A 42 2.64 4.02 -2.03
CA ALA A 42 3.52 5.13 -1.65
C ALA A 42 2.79 6.37 -1.16
N GLU A 43 1.57 6.18 -0.65
CA GLU A 43 0.76 7.30 -0.20
C GLU A 43 1.31 8.20 0.91
N ASN A 44 2.32 7.76 1.64
CA ASN A 44 2.92 8.56 2.73
C ASN A 44 4.37 8.91 2.46
N THR A 45 4.84 8.69 1.24
CA THR A 45 6.23 8.93 0.90
C THR A 45 6.84 10.28 1.26
N THR A 46 6.27 11.37 0.77
CA THR A 46 6.81 12.72 1.01
C THR A 46 6.29 13.40 2.28
N HIS A 47 7.17 13.52 3.27
CA HIS A 47 6.82 14.12 4.56
C HIS A 47 5.58 13.48 5.19
N GLY A 48 5.44 12.18 4.97
CA GLY A 48 4.32 11.44 5.53
C GLY A 48 3.02 11.53 4.76
N LYS A 49 2.98 12.34 3.71
CA LYS A 49 1.78 12.49 2.91
C LYS A 49 2.02 12.80 1.43
N GLY A 50 1.50 11.95 0.57
CA GLY A 50 1.64 12.17 -0.86
C GLY A 50 2.99 11.80 -1.42
N LEU A 51 3.19 12.10 -2.70
CA LEU A 51 4.43 11.75 -3.39
C LEU A 51 4.91 12.85 -4.32
N SER A 52 6.12 13.35 -4.08
CA SER A 52 6.71 14.40 -4.92
C SER A 52 7.30 13.72 -6.16
N LEU A 53 7.59 14.51 -7.19
CA LEU A 53 8.17 13.96 -8.42
C LEU A 53 9.53 13.40 -8.05
N LYS A 54 10.27 14.17 -7.26
CA LYS A 54 11.59 13.78 -6.81
C LYS A 54 11.52 12.40 -6.16
N HIS A 55 10.58 12.22 -5.24
CA HIS A 55 10.46 10.94 -4.56
C HIS A 55 9.91 9.82 -5.45
N TYR A 56 9.12 10.19 -6.45
CA TYR A 56 8.59 9.18 -7.35
C TYR A 56 9.75 8.60 -8.14
N GLU A 57 10.67 9.44 -8.58
CA GLU A 57 11.82 8.93 -9.32
C GLU A 57 12.74 8.14 -8.40
N PHE A 58 12.86 8.57 -7.15
CA PHE A 58 13.68 7.84 -6.18
C PHE A 58 13.18 6.40 -6.07
N LEU A 59 11.89 6.24 -5.82
CA LEU A 59 11.30 4.91 -5.69
C LEU A 59 11.51 4.12 -6.97
N LYS A 60 11.34 4.81 -8.08
CA LYS A 60 11.51 4.20 -9.40
C LYS A 60 12.95 3.72 -9.59
N GLU A 61 13.91 4.53 -9.20
CA GLU A 61 15.30 4.14 -9.37
C GLU A 61 15.72 3.13 -8.32
N ALA A 62 14.93 3.00 -7.26
CA ALA A 62 15.23 2.05 -6.20
C ALA A 62 14.81 0.63 -6.59
N GLY A 63 13.99 0.52 -7.64
CA GLY A 63 13.55 -0.80 -8.07
C GLY A 63 12.05 -1.02 -8.11
N VAL A 64 11.27 -0.02 -7.71
CA VAL A 64 9.81 -0.18 -7.73
C VAL A 64 9.28 -0.13 -9.16
N ASN A 65 8.41 -1.07 -9.50
CA ASN A 65 7.84 -1.12 -10.85
C ASN A 65 6.48 -0.45 -10.95
N TYR A 66 5.63 -0.65 -9.95
CA TYR A 66 4.29 -0.06 -9.96
C TYR A 66 3.93 0.53 -8.60
N ILE A 67 3.05 1.52 -8.60
CA ILE A 67 2.67 2.19 -7.37
C ILE A 67 1.16 2.33 -7.18
N THR A 68 0.70 2.08 -5.96
CA THR A 68 -0.72 2.24 -5.62
C THR A 68 -0.74 3.32 -4.53
N MET A 69 -1.90 3.97 -4.31
CA MET A 69 -1.97 5.04 -3.32
C MET A 69 -3.08 4.90 -2.28
N GLY A 70 -3.60 6.03 -1.80
CA GLY A 70 -4.63 5.99 -0.78
C GLY A 70 -5.34 7.30 -0.51
N ASN A 71 -5.55 7.61 0.76
CA ASN A 71 -6.26 8.84 1.09
C ASN A 71 -5.43 10.11 0.99
N HIS A 72 -4.10 9.98 1.04
CA HIS A 72 -3.24 11.15 0.94
C HIS A 72 -2.63 11.28 -0.46
N THR A 73 -3.28 10.65 -1.43
CA THR A 73 -2.82 10.68 -2.81
C THR A 73 -2.54 12.09 -3.37
N TRP A 74 -3.38 13.05 -3.02
CA TRP A 74 -3.26 14.40 -3.59
C TRP A 74 -2.64 15.49 -2.74
N PHE A 75 -1.88 15.12 -1.71
CA PHE A 75 -1.31 16.14 -0.85
C PHE A 75 -0.15 16.97 -1.42
N GLN A 76 0.72 16.38 -2.23
CA GLN A 76 1.83 17.14 -2.80
C GLN A 76 1.36 17.84 -4.07
N LYS A 77 0.66 18.97 -3.87
CA LYS A 77 0.08 19.77 -4.95
C LYS A 77 1.02 20.20 -6.06
N LEU A 78 2.23 20.63 -5.71
CA LEU A 78 3.18 21.12 -6.69
C LEU A 78 3.46 20.20 -7.88
N ASP A 79 3.50 18.89 -7.66
CA ASP A 79 3.78 17.96 -8.75
C ASP A 79 2.66 16.96 -9.03
N LEU A 80 1.48 17.15 -8.45
CA LEU A 80 0.47 16.13 -8.69
C LEU A 80 0.04 15.92 -10.13
N ALA A 81 -0.10 16.99 -10.92
CA ALA A 81 -0.49 16.82 -12.32
C ALA A 81 0.47 15.87 -13.03
N VAL A 82 1.76 15.97 -12.69
CA VAL A 82 2.77 15.14 -13.31
C VAL A 82 2.93 13.75 -12.66
N VAL A 83 2.93 13.70 -11.33
CA VAL A 83 3.11 12.42 -10.65
C VAL A 83 1.97 11.42 -10.82
N ILE A 84 0.77 11.80 -10.43
CA ILE A 84 -0.35 10.88 -10.53
C ILE A 84 -0.77 10.57 -11.98
N ASN A 85 -0.17 11.28 -12.94
CA ASN A 85 -0.44 11.02 -14.35
C ASN A 85 0.56 9.98 -14.86
N LYS A 86 1.50 9.59 -14.01
CA LYS A 86 2.51 8.59 -14.41
C LYS A 86 1.82 7.28 -14.77
N LYS A 87 2.26 6.70 -15.89
CA LYS A 87 1.69 5.46 -16.42
C LYS A 87 1.73 4.23 -15.51
N ASP A 88 2.70 4.16 -14.61
CA ASP A 88 2.82 3.00 -13.71
C ASP A 88 2.34 3.32 -12.30
N LEU A 89 1.44 4.31 -12.19
CA LEU A 89 0.91 4.74 -10.90
C LEU A 89 -0.61 4.67 -10.90
N VAL A 90 -1.19 4.00 -9.90
CA VAL A 90 -2.64 3.89 -9.81
C VAL A 90 -3.15 4.54 -8.52
N ARG A 91 -4.21 5.33 -8.65
CA ARG A 91 -4.81 5.99 -7.51
C ARG A 91 -6.17 5.37 -7.24
N PRO A 92 -6.84 5.76 -6.16
CA PRO A 92 -8.15 5.16 -5.89
C PRO A 92 -9.17 5.37 -7.02
N LEU A 93 -9.71 4.28 -7.55
CA LEU A 93 -10.69 4.29 -8.65
C LEU A 93 -12.03 4.83 -8.18
N ASN A 94 -12.30 4.50 -6.92
CA ASN A 94 -13.49 4.80 -6.14
C ASN A 94 -13.89 6.28 -5.94
N LEU A 95 -13.57 7.15 -6.90
CA LEU A 95 -13.85 8.59 -6.74
C LEU A 95 -15.15 9.16 -7.32
N ASP A 96 -15.85 9.96 -6.52
CA ASP A 96 -17.11 10.58 -6.95
C ASP A 96 -16.79 11.81 -7.81
N THR A 97 -17.61 12.03 -8.84
CA THR A 97 -17.38 13.15 -9.74
C THR A 97 -17.36 14.54 -9.10
N SER A 98 -17.96 14.67 -7.91
CA SER A 98 -17.97 15.96 -7.23
C SER A 98 -16.56 16.33 -6.77
N PHE A 99 -15.69 15.32 -6.65
CA PHE A 99 -14.32 15.53 -6.21
C PHE A 99 -13.42 15.95 -7.35
N ALA A 100 -12.68 17.04 -7.18
CA ALA A 100 -11.74 17.47 -8.22
C ALA A 100 -10.75 16.31 -8.20
N PHE A 101 -10.11 16.00 -9.31
CA PHE A 101 -9.16 14.87 -9.37
C PHE A 101 -9.86 13.52 -9.54
N HIS A 102 -11.19 13.53 -9.64
CA HIS A 102 -11.94 12.30 -9.83
C HIS A 102 -11.52 11.65 -11.15
N ASN A 103 -10.91 12.45 -12.02
CA ASN A 103 -10.45 11.98 -13.33
C ASN A 103 -8.97 12.28 -13.57
N LEU A 104 -8.22 12.52 -12.51
CA LEU A 104 -6.79 12.79 -12.62
C LEU A 104 -6.00 11.49 -12.49
N GLY A 105 -5.66 10.88 -13.62
CA GLY A 105 -4.91 9.64 -13.58
C GLY A 105 -5.74 8.37 -13.68
N GLN A 106 -5.14 7.24 -13.31
CA GLN A 106 -5.79 5.92 -13.38
C GLN A 106 -6.22 5.34 -12.02
N GLY A 107 -7.36 4.67 -12.02
CA GLY A 107 -7.85 4.02 -10.81
C GLY A 107 -7.57 2.52 -10.95
N SER A 108 -7.17 2.13 -12.15
CA SER A 108 -6.84 0.74 -12.46
C SER A 108 -6.04 0.73 -13.75
N LEU A 109 -5.08 -0.17 -13.88
CA LEU A 109 -4.28 -0.24 -15.09
C LEU A 109 -4.01 -1.67 -15.51
N VAL A 110 -3.69 -1.86 -16.78
CA VAL A 110 -3.41 -3.17 -17.32
C VAL A 110 -2.15 -3.18 -18.16
N PHE A 111 -1.33 -4.19 -17.98
CA PHE A 111 -0.13 -4.35 -18.75
C PHE A 111 0.06 -5.85 -18.90
N GLU A 112 0.86 -6.26 -19.87
CA GLU A 112 1.06 -7.68 -20.05
C GLU A 112 2.49 -8.02 -19.69
N PHE A 113 2.66 -9.16 -19.05
CA PHE A 113 3.97 -9.63 -18.62
C PHE A 113 4.05 -11.13 -18.87
N ASN A 114 4.80 -11.49 -19.90
CA ASN A 114 4.99 -12.89 -20.28
C ASN A 114 3.72 -13.72 -20.39
N LYS A 115 2.95 -13.46 -21.43
CA LYS A 115 1.73 -14.21 -21.70
C LYS A 115 0.68 -14.01 -20.62
N ALA A 116 0.65 -12.83 -20.02
CA ALA A 116 -0.32 -12.55 -18.98
C ALA A 116 -0.78 -11.10 -18.95
N LYS A 117 -2.10 -10.92 -19.00
CA LYS A 117 -2.69 -9.58 -18.94
C LYS A 117 -2.92 -9.32 -17.45
N ILE A 118 -2.12 -8.43 -16.88
CA ILE A 118 -2.22 -8.12 -15.45
C ILE A 118 -2.88 -6.78 -15.15
N ARG A 119 -3.80 -6.81 -14.20
CA ARG A 119 -4.51 -5.60 -13.80
C ARG A 119 -4.20 -5.22 -12.36
N ILE A 120 -3.98 -3.92 -12.12
CA ILE A 120 -3.72 -3.44 -10.77
C ILE A 120 -4.77 -2.38 -10.46
N THR A 121 -5.51 -2.60 -9.39
CA THR A 121 -6.58 -1.69 -8.97
C THR A 121 -6.39 -1.23 -7.53
N ASN A 122 -6.68 0.04 -7.29
CA ASN A 122 -6.56 0.68 -5.98
C ASN A 122 -7.93 1.24 -5.62
N LEU A 123 -8.39 0.99 -4.41
CA LEU A 123 -9.69 1.47 -3.96
C LEU A 123 -9.65 2.01 -2.53
N LEU A 124 -10.58 2.89 -2.20
CA LEU A 124 -10.68 3.48 -0.87
C LEU A 124 -11.86 2.87 -0.12
N GLY A 125 -11.61 2.40 1.09
CA GLY A 125 -12.66 1.81 1.88
C GLY A 125 -13.65 2.87 2.32
N THR A 126 -14.90 2.47 2.49
CA THR A 126 -15.92 3.41 2.91
C THR A 126 -15.72 3.80 4.37
N SER A 127 -14.94 2.99 5.09
CA SER A 127 -14.64 3.23 6.51
C SER A 127 -13.53 4.26 6.74
N VAL A 128 -12.96 4.80 5.67
CA VAL A 128 -11.91 5.80 5.81
C VAL A 128 -12.52 7.19 5.75
N PRO A 129 -12.25 8.02 6.78
CA PRO A 129 -12.80 9.39 6.79
C PRO A 129 -12.08 10.20 5.73
N LEU A 130 -12.85 10.79 4.80
CA LEU A 130 -12.27 11.59 3.73
C LEU A 130 -12.87 12.99 3.65
N PRO A 131 -12.11 13.95 3.10
CA PRO A 131 -12.52 15.35 2.93
C PRO A 131 -13.45 15.47 1.73
N PHE A 132 -13.45 14.43 0.90
CA PHE A 132 -14.29 14.40 -0.30
C PHE A 132 -15.19 13.17 -0.30
N LYS A 133 -16.03 13.08 -1.32
CA LYS A 133 -16.97 11.97 -1.44
C LYS A 133 -16.48 10.86 -2.38
N THR A 134 -16.74 9.62 -2.01
CA THR A 134 -16.32 8.47 -2.82
C THR A 134 -17.51 7.59 -3.19
N THR A 135 -17.34 6.78 -4.22
CA THR A 135 -18.39 5.87 -4.66
C THR A 135 -18.12 4.53 -3.95
N ASN A 136 -19.12 3.65 -3.92
CA ASN A 136 -18.99 2.35 -3.25
C ASN A 136 -17.91 1.44 -3.86
N PRO A 137 -16.92 1.01 -3.06
CA PRO A 137 -15.81 0.14 -3.48
C PRO A 137 -16.32 -1.20 -3.99
N PHE A 138 -17.26 -1.79 -3.27
CA PHE A 138 -17.84 -3.07 -3.63
C PHE A 138 -18.48 -3.00 -5.01
N LYS A 139 -19.35 -2.01 -5.20
CA LYS A 139 -20.02 -1.87 -6.49
C LYS A 139 -19.03 -1.55 -7.61
N VAL A 140 -18.12 -0.61 -7.36
CA VAL A 140 -17.13 -0.24 -8.37
C VAL A 140 -16.30 -1.41 -8.87
N LEU A 141 -15.74 -2.18 -7.93
CA LEU A 141 -14.89 -3.31 -8.31
C LEU A 141 -15.70 -4.40 -9.00
N LYS A 142 -16.95 -4.58 -8.59
CA LYS A 142 -17.82 -5.59 -9.19
C LYS A 142 -18.00 -5.28 -10.68
N GLU A 143 -18.37 -4.04 -10.97
CA GLU A 143 -18.56 -3.61 -12.36
C GLU A 143 -17.29 -3.81 -13.18
N LEU A 144 -16.15 -3.47 -12.60
CA LEU A 144 -14.88 -3.62 -13.29
C LEU A 144 -14.65 -5.10 -13.59
N ILE A 145 -14.91 -5.96 -12.60
CA ILE A 145 -14.72 -7.39 -12.77
C ILE A 145 -15.56 -7.92 -13.93
N LEU A 146 -16.82 -7.49 -14.00
CA LEU A 146 -17.73 -7.93 -15.04
C LEU A 146 -17.26 -7.52 -16.43
N LYS A 147 -16.28 -6.63 -16.48
CA LYS A 147 -15.72 -6.19 -17.75
C LYS A 147 -14.86 -7.33 -18.31
N ARG A 148 -14.47 -8.24 -17.41
CA ARG A 148 -13.69 -9.43 -17.75
C ARG A 148 -12.48 -9.29 -18.67
N ASP A 149 -11.56 -8.39 -18.34
CA ASP A 149 -10.38 -8.25 -19.18
C ASP A 149 -9.06 -8.35 -18.44
N CYS A 150 -8.70 -9.56 -18.02
CA CYS A 150 -7.44 -9.79 -17.33
C CYS A 150 -7.34 -11.20 -16.77
N ASP A 151 -6.11 -11.71 -16.76
CA ASP A 151 -5.84 -13.05 -16.24
C ASP A 151 -5.56 -12.91 -14.75
N LEU A 152 -4.79 -11.88 -14.41
CA LEU A 152 -4.46 -11.61 -13.01
C LEU A 152 -5.01 -10.24 -12.63
N HIS A 153 -5.52 -10.13 -11.41
CA HIS A 153 -6.08 -8.87 -10.94
C HIS A 153 -5.59 -8.67 -9.51
N ILE A 154 -4.73 -7.66 -9.33
CA ILE A 154 -4.16 -7.34 -8.03
C ILE A 154 -4.87 -6.13 -7.44
N VAL A 155 -5.44 -6.30 -6.24
CA VAL A 155 -6.18 -5.21 -5.61
C VAL A 155 -5.60 -4.70 -4.28
N ASP A 156 -5.40 -3.40 -4.19
CA ASP A 156 -4.92 -2.77 -2.97
C ASP A 156 -6.14 -2.03 -2.41
N PHE A 157 -6.74 -2.59 -1.35
CA PHE A 157 -7.92 -2.00 -0.72
C PHE A 157 -7.45 -1.16 0.47
N HIS A 158 -7.46 0.15 0.28
CA HIS A 158 -7.02 1.08 1.32
C HIS A 158 -8.19 1.38 2.23
N ALA A 159 -8.32 0.62 3.31
CA ALA A 159 -9.43 0.78 4.25
C ALA A 159 -9.00 0.77 5.71
N GLU A 160 -9.87 1.30 6.57
CA GLU A 160 -9.57 1.41 7.99
C GLU A 160 -10.02 0.23 8.85
N THR A 161 -11.23 -0.25 8.61
CA THR A 161 -11.85 -1.31 9.39
C THR A 161 -11.56 -2.77 9.02
N THR A 162 -11.34 -3.61 10.06
CA THR A 162 -11.10 -5.03 9.84
C THR A 162 -12.38 -5.67 9.33
N SER A 163 -13.53 -5.14 9.73
CA SER A 163 -14.79 -5.70 9.24
C SER A 163 -15.00 -5.34 7.77
N GLU A 164 -14.72 -4.11 7.35
CA GLU A 164 -14.91 -3.78 5.94
C GLU A 164 -13.92 -4.57 5.09
N LYS A 165 -12.70 -4.72 5.60
CA LYS A 165 -11.66 -5.43 4.89
C LYS A 165 -12.05 -6.90 4.64
N ASN A 166 -12.50 -7.58 5.69
CA ASN A 166 -12.87 -8.97 5.56
C ASN A 166 -14.18 -9.17 4.80
N ALA A 167 -15.07 -8.18 4.85
CA ALA A 167 -16.32 -8.29 4.12
C ALA A 167 -15.96 -8.23 2.64
N PHE A 168 -14.96 -7.40 2.32
CA PHE A 168 -14.50 -7.22 0.95
C PHE A 168 -13.87 -8.54 0.50
N CYS A 169 -13.11 -9.17 1.40
CA CYS A 169 -12.47 -10.44 1.11
C CYS A 169 -13.52 -11.50 0.79
N MET A 170 -14.57 -11.52 1.60
CA MET A 170 -15.63 -12.50 1.43
C MET A 170 -16.40 -12.30 0.13
N ALA A 171 -16.53 -11.04 -0.28
CA ALA A 171 -17.25 -10.71 -1.49
C ALA A 171 -16.52 -11.07 -2.80
N PHE A 172 -15.22 -10.78 -2.86
CA PHE A 172 -14.46 -11.01 -4.09
C PHE A 172 -13.40 -12.12 -4.07
N ASP A 173 -13.39 -12.94 -3.01
CA ASP A 173 -12.38 -13.99 -2.89
C ASP A 173 -11.86 -14.66 -4.15
N GLY A 174 -12.70 -15.34 -4.92
CA GLY A 174 -12.13 -15.99 -6.09
C GLY A 174 -12.16 -15.22 -7.39
N TYR A 175 -12.83 -14.07 -7.39
CA TYR A 175 -12.97 -13.24 -8.59
C TYR A 175 -11.75 -12.38 -8.90
N VAL A 176 -10.77 -12.41 -8.02
CA VAL A 176 -9.55 -11.63 -8.20
C VAL A 176 -8.34 -12.44 -7.74
N THR A 177 -7.14 -12.02 -8.13
CA THR A 177 -5.92 -12.73 -7.75
C THR A 177 -5.53 -12.42 -6.31
N THR A 178 -5.46 -11.13 -5.95
CA THR A 178 -5.10 -10.76 -4.59
C THR A 178 -5.93 -9.62 -4.05
N ILE A 179 -6.14 -9.66 -2.74
CA ILE A 179 -6.89 -8.65 -2.01
C ILE A 179 -5.97 -8.26 -0.86
N PHE A 180 -5.20 -7.19 -1.03
CA PHE A 180 -4.28 -6.75 0.02
C PHE A 180 -4.79 -5.46 0.66
N GLY A 181 -5.00 -5.49 1.97
CA GLY A 181 -5.45 -4.30 2.67
C GLY A 181 -4.27 -3.43 3.10
N THR A 182 -4.48 -2.12 3.11
CA THR A 182 -3.46 -1.15 3.51
C THR A 182 -4.15 -0.01 4.26
N HIS A 183 -3.35 0.89 4.84
CA HIS A 183 -3.84 2.07 5.57
C HIS A 183 -3.67 2.09 7.08
N THR A 184 -3.69 0.93 7.76
CA THR A 184 -3.54 1.00 9.23
C THR A 184 -2.08 1.04 9.71
N HIS A 185 -1.12 0.82 8.81
CA HIS A 185 0.30 0.86 9.17
C HIS A 185 0.80 -0.20 10.15
N VAL A 186 0.04 -1.27 10.29
CA VAL A 186 0.41 -2.37 11.19
C VAL A 186 0.09 -3.65 10.44
N PRO A 187 1.11 -4.48 10.18
CA PRO A 187 0.84 -5.73 9.46
C PRO A 187 0.00 -6.70 10.30
N SER A 188 -0.87 -7.44 9.63
CA SER A 188 -1.71 -8.43 10.32
C SER A 188 -1.04 -9.78 10.07
N ALA A 189 -1.30 -10.75 10.94
CA ALA A 189 -0.71 -12.09 10.78
C ALA A 189 -1.70 -12.97 10.01
N ASP A 190 -2.49 -12.27 9.20
CA ASP A 190 -3.57 -12.79 8.35
C ASP A 190 -3.23 -13.48 7.03
N LEU A 191 -2.05 -13.19 6.49
CA LEU A 191 -1.62 -13.70 5.20
C LEU A 191 -1.88 -15.18 4.89
N ARG A 192 -2.47 -15.43 3.73
CA ARG A 192 -2.72 -16.80 3.29
C ARG A 192 -3.26 -16.86 1.88
N ILE A 193 -3.20 -18.07 1.31
CA ILE A 193 -3.75 -18.36 0.00
C ILE A 193 -5.15 -18.74 0.48
N THR A 194 -6.20 -18.17 -0.11
CA THR A 194 -7.56 -18.47 0.33
C THR A 194 -8.04 -19.81 -0.20
N PRO A 195 -9.16 -20.33 0.36
CA PRO A 195 -9.72 -21.61 -0.08
C PRO A 195 -10.16 -21.54 -1.54
N LYS A 196 -10.22 -20.33 -2.09
CA LYS A 196 -10.61 -20.11 -3.49
C LYS A 196 -9.41 -19.85 -4.39
N GLY A 197 -8.20 -19.85 -3.85
CA GLY A 197 -7.05 -19.65 -4.68
C GLY A 197 -6.50 -18.25 -4.83
N SER A 198 -6.96 -17.33 -3.99
CA SER A 198 -6.45 -15.96 -4.04
C SER A 198 -5.51 -15.74 -2.88
N ALA A 199 -4.92 -14.55 -2.82
CA ALA A 199 -4.03 -14.21 -1.71
C ALA A 199 -4.76 -13.10 -0.97
N TYR A 200 -4.77 -13.19 0.37
CA TYR A 200 -5.44 -12.17 1.19
C TYR A 200 -4.65 -11.84 2.45
N ILE A 201 -4.79 -10.60 2.91
CA ILE A 201 -4.17 -10.14 4.14
C ILE A 201 -4.92 -8.87 4.54
N THR A 202 -5.35 -8.80 5.80
CA THR A 202 -6.10 -7.65 6.28
C THR A 202 -5.31 -6.36 6.11
N ASP A 203 -4.02 -6.38 6.43
CA ASP A 203 -3.16 -5.22 6.25
C ASP A 203 -1.70 -5.60 6.05
N VAL A 204 -1.12 -5.11 4.96
CA VAL A 204 0.28 -5.40 4.65
C VAL A 204 1.23 -4.74 5.65
N GLY A 205 0.85 -3.58 6.15
CA GLY A 205 1.71 -2.89 7.08
C GLY A 205 2.34 -1.67 6.41
N MET A 206 3.34 -1.09 7.07
CA MET A 206 3.99 0.11 6.58
C MET A 206 5.51 -0.03 6.38
N CYS A 207 6.04 0.77 5.48
CA CYS A 207 7.49 0.82 5.24
C CYS A 207 7.84 2.25 5.64
N GLY A 208 8.31 2.42 6.88
CA GLY A 208 8.65 3.74 7.37
C GLY A 208 9.28 3.70 8.76
N PRO A 209 9.06 4.72 9.60
CA PRO A 209 9.64 4.74 10.95
C PRO A 209 9.31 3.45 11.70
N GLY A 210 10.23 3.04 12.59
CA GLY A 210 10.02 1.82 13.35
C GLY A 210 9.52 1.97 14.77
N PHE A 211 9.97 1.06 15.65
CA PHE A 211 9.56 1.09 17.04
C PHE A 211 10.07 2.35 17.71
N GLY A 212 9.14 3.15 18.23
CA GLY A 212 9.52 4.39 18.87
C GLY A 212 8.73 5.51 18.23
N SER A 213 7.90 5.14 17.26
CA SER A 213 7.04 6.09 16.56
C SER A 213 5.62 5.58 16.68
N VAL A 214 4.65 6.42 16.38
CA VAL A 214 3.25 6.00 16.45
C VAL A 214 2.72 5.93 15.02
N ILE A 215 2.76 4.73 14.45
CA ILE A 215 2.23 4.56 13.10
C ILE A 215 3.00 5.48 12.12
N GLY A 216 4.23 5.81 12.49
CA GLY A 216 5.07 6.65 11.64
C GLY A 216 5.30 8.07 12.16
N ALA A 217 4.44 8.53 13.06
CA ALA A 217 4.55 9.88 13.61
C ALA A 217 5.28 9.94 14.95
N ASN A 218 5.81 11.11 15.27
CA ASN A 218 6.52 11.32 16.53
C ASN A 218 5.50 11.09 17.64
N PRO A 219 5.87 10.30 18.66
CA PRO A 219 4.97 10.00 19.78
C PRO A 219 4.46 11.19 20.59
N GLU A 220 5.28 12.23 20.75
CA GLU A 220 4.86 13.39 21.53
C GLU A 220 3.50 13.98 21.17
N GLN A 221 3.33 14.39 19.92
CA GLN A 221 2.06 14.99 19.51
C GLN A 221 0.92 13.98 19.67
N SER A 222 1.22 12.71 19.37
CA SER A 222 0.22 11.65 19.47
C SER A 222 -0.30 11.46 20.89
N ILE A 223 0.62 11.32 21.86
CA ILE A 223 0.21 11.13 23.24
C ILE A 223 -0.62 12.33 23.72
N ARG A 224 -0.20 13.54 23.34
CA ARG A 224 -0.91 14.75 23.72
C ARG A 224 -2.34 14.73 23.17
N LEU A 225 -2.48 14.28 21.93
CA LEU A 225 -3.78 14.20 21.30
C LEU A 225 -4.71 13.34 22.14
N PHE A 226 -4.25 12.13 22.48
CA PHE A 226 -5.04 11.19 23.27
C PHE A 226 -5.18 11.52 24.75
N CYS A 227 -4.43 12.51 25.23
CA CYS A 227 -4.49 12.91 26.65
C CYS A 227 -5.18 14.26 26.82
N ALA A 228 -4.41 15.32 26.62
CA ALA A 228 -4.93 16.68 26.74
C ALA A 228 -5.94 16.99 25.65
N GLY A 229 -5.69 16.49 24.44
CA GLY A 229 -6.59 16.73 23.33
C GLY A 229 -6.06 17.79 22.38
N SER A 230 -4.83 18.25 22.62
CA SER A 230 -4.21 19.27 21.77
C SER A 230 -4.16 18.82 20.33
N ARG A 231 -4.33 19.77 19.41
CA ARG A 231 -4.32 19.49 17.99
C ARG A 231 -3.00 19.94 17.36
N GLU A 232 -1.92 19.81 18.11
CA GLU A 232 -0.60 20.20 17.63
C GLU A 232 -0.12 19.37 16.45
N HIS A 233 0.31 20.07 15.39
CA HIS A 233 0.83 19.49 14.16
C HIS A 233 1.51 18.14 14.33
N PHE A 234 1.27 17.21 13.40
CA PHE A 234 1.91 15.91 13.46
C PHE A 234 3.32 16.11 12.89
N GLU A 235 4.25 15.24 13.26
CA GLU A 235 5.62 15.35 12.77
C GLU A 235 6.12 13.96 12.37
N VAL A 236 6.85 13.88 11.26
CA VAL A 236 7.39 12.61 10.80
C VAL A 236 8.47 12.12 11.77
N SER A 237 8.42 10.85 12.14
CA SER A 237 9.41 10.28 13.06
C SER A 237 10.69 9.88 12.34
N LYS A 238 11.82 10.03 13.03
CA LYS A 238 13.12 9.67 12.48
C LYS A 238 13.66 8.50 13.29
N CYS A 239 12.80 7.89 14.09
CA CYS A 239 13.19 6.79 14.95
C CYS A 239 13.14 5.42 14.29
N GLY A 240 14.32 4.88 13.99
CA GLY A 240 14.43 3.56 13.37
C GLY A 240 13.65 3.37 12.09
N ALA A 241 13.37 2.11 11.74
CA ALA A 241 12.64 1.82 10.51
C ALA A 241 12.11 0.40 10.43
N GLN A 242 11.10 0.22 9.59
CA GLN A 242 10.51 -1.09 9.38
C GLN A 242 10.05 -1.23 7.95
N LEU A 243 10.14 -2.45 7.44
CA LEU A 243 9.74 -2.76 6.08
C LEU A 243 8.75 -3.91 6.21
N ASN A 244 7.58 -3.76 5.60
CA ASN A 244 6.55 -4.79 5.65
C ASN A 244 5.97 -5.02 4.26
N GLY A 245 5.85 -6.28 3.87
CA GLY A 245 5.31 -6.57 2.57
C GLY A 245 4.85 -8.00 2.41
N VAL A 246 4.49 -8.35 1.19
CA VAL A 246 4.03 -9.69 0.89
C VAL A 246 4.63 -10.18 -0.42
N PHE A 247 5.17 -11.39 -0.38
CA PHE A 247 5.69 -12.02 -1.58
C PHE A 247 4.65 -13.04 -2.01
N PHE A 248 4.32 -13.08 -3.29
CA PHE A 248 3.37 -14.07 -3.78
C PHE A 248 3.65 -14.43 -5.22
N GLU A 249 3.43 -15.69 -5.57
CA GLU A 249 3.63 -16.12 -6.94
C GLU A 249 2.39 -16.83 -7.47
N VAL A 250 1.97 -16.41 -8.65
CA VAL A 250 0.78 -16.95 -9.28
C VAL A 250 1.21 -18.06 -10.24
N ASP A 251 0.26 -18.55 -11.03
CA ASP A 251 0.51 -19.59 -12.00
C ASP A 251 -0.26 -19.08 -13.21
N VAL A 252 0.46 -18.61 -14.22
CA VAL A 252 -0.18 -18.05 -15.41
C VAL A 252 -1.24 -18.95 -16.05
N ASN A 253 -1.05 -20.26 -15.93
CA ASN A 253 -1.99 -21.23 -16.51
C ASN A 253 -3.29 -21.33 -15.72
N THR A 254 -3.20 -21.68 -14.44
CA THR A 254 -4.40 -21.81 -13.60
C THR A 254 -4.80 -20.45 -13.04
N LYS A 255 -3.82 -19.54 -13.05
CA LYS A 255 -3.97 -18.18 -12.53
C LYS A 255 -4.50 -18.16 -11.10
N LYS A 256 -3.94 -19.07 -10.29
CA LYS A 256 -4.26 -19.20 -8.88
C LYS A 256 -2.95 -18.87 -8.16
N VAL A 257 -3.04 -18.34 -6.95
CA VAL A 257 -1.83 -18.04 -6.20
C VAL A 257 -1.30 -19.38 -5.73
N ILE A 258 -0.01 -19.57 -5.93
CA ILE A 258 0.64 -20.83 -5.55
C ILE A 258 1.47 -20.71 -4.29
N LYS A 259 1.84 -19.50 -3.92
CA LYS A 259 2.65 -19.31 -2.73
C LYS A 259 2.60 -17.88 -2.20
N THR A 260 2.76 -17.74 -0.89
CA THR A 260 2.77 -16.44 -0.24
C THR A 260 3.62 -16.49 1.00
N GLU A 261 4.27 -15.37 1.32
CA GLU A 261 5.11 -15.27 2.49
C GLU A 261 5.17 -13.81 2.93
N ALA A 262 5.04 -13.56 4.22
CA ALA A 262 5.11 -12.21 4.74
C ALA A 262 6.57 -11.75 4.79
N ILE A 263 6.81 -10.51 4.38
CA ILE A 263 8.16 -9.96 4.40
C ILE A 263 8.26 -8.90 5.50
N ARG A 264 9.20 -9.06 6.42
CA ARG A 264 9.36 -8.09 7.50
C ARG A 264 10.82 -7.85 7.93
N ILE A 265 11.15 -6.57 8.06
CA ILE A 265 12.48 -6.17 8.48
C ILE A 265 12.31 -5.05 9.50
N VAL A 266 12.98 -5.17 10.64
CA VAL A 266 12.88 -4.18 11.68
C VAL A 266 14.25 -3.70 12.14
N GLU A 267 14.41 -2.38 12.20
CA GLU A 267 15.66 -1.77 12.63
C GLU A 267 15.36 -0.87 13.82
N ASP A 268 15.87 -1.24 14.99
CA ASP A 268 15.65 -0.45 16.19
C ASP A 268 16.64 0.68 16.27
N ASP A 269 16.25 1.74 16.96
CA ASP A 269 17.06 2.94 17.10
C ASP A 269 17.35 3.18 18.59
N PRO A 270 18.63 3.28 18.95
CA PRO A 270 19.00 3.50 20.36
C PRO A 270 18.39 4.78 20.94
N ARG A 271 18.15 5.76 20.08
CA ARG A 271 17.59 7.02 20.53
C ARG A 271 16.20 6.90 21.17
N TYR A 272 15.53 5.77 20.99
CA TYR A 272 14.22 5.55 21.59
C TYR A 272 14.41 5.28 23.09
N LEU A 273 15.56 4.69 23.42
CA LEU A 273 15.87 4.33 24.81
C LEU A 273 16.00 5.54 25.74
N LYS A 274 16.27 6.70 25.17
CA LYS A 274 16.43 7.92 25.96
C LYS A 274 15.09 8.63 26.17
N GLN A 275 14.04 8.15 25.50
CA GLN A 275 12.72 8.77 25.63
C GLN A 275 11.94 8.40 26.88
N ASP A 276 11.17 9.36 27.39
CA ASP A 276 10.35 9.15 28.58
C ASP A 276 8.94 9.75 28.38
N TYR A 277 8.20 9.19 27.42
CA TYR A 277 6.85 9.66 27.11
C TYR A 277 5.85 9.53 28.25
N PHE A 278 6.19 8.70 29.24
CA PHE A 278 5.30 8.45 30.40
C PHE A 278 4.86 9.76 31.05
N ASN A 279 5.71 10.77 31.02
CA ASN A 279 5.34 12.05 31.62
C ASN A 279 4.36 12.78 30.73
N LEU A 280 3.19 12.17 30.55
CA LEU A 280 2.11 12.70 29.73
C LEU A 280 1.85 14.18 29.89
N ILE A 281 3.84 13.38 27.76
CA ILE A 281 4.66 13.67 26.60
C ILE A 281 4.13 12.94 25.36
FE FE B . -0.85 5.34 4.99
FE FE C . -3.94 5.90 4.54
#